data_6OQB
#
_entry.id   6OQB
#
_cell.length_a   43.653
_cell.length_b   89.980
_cell.length_c   84.839
_cell.angle_alpha   90.00
_cell.angle_beta   90.00
_cell.angle_gamma   90.00
#
_symmetry.space_group_name_H-M   'C 2 2 21'
#
loop_
_entity.id
_entity.type
_entity.pdbx_description
1 polymer 'Induced myeloid leukemia cell differentiation protein Mcl-1'
2 non-polymer "(4S,7aR,9aR,10S,11E,15R)-6'-chloro-15-ethyl-10-hydroxy-3',4',7a,8,9,9a,10,13,14,15-decahydro-2'H,3H,5H-spiro[1,19-(ethanediylidene)-16lambda~6~-cyclobuta[i][1,4]oxazepino[3,4-f][1,2,7]thiadiazacyclohexadecine-4,1'-naphthalene]-16,16,18(7H,17H)-trione"
3 water water
#
_entity_poly.entity_id   1
_entity_poly.type   'polypeptide(L)'
_entity_poly.pdbx_seq_one_letter_code
;EDELYRQSLEIISRYLREQATGAKDTKPMGRSGATSRKALETLRRVGDGVQRNHETAFQGMLRKLDIKNEDDVKSLSRVM
IHVFSDGVTNWGRIVTLISFGAFVAKHLKTINQESCIEPLAESITDVLVRTKRDWLVKQRGWDGFVEFFHVEDLEGG
;
_entity_poly.pdbx_strand_id   A
#
# COMPACT_ATOMS: atom_id res chain seq x y z
N ASP A 2 17.46 -8.51 3.01
CA ASP A 2 16.96 -7.22 2.51
C ASP A 2 15.86 -6.74 3.44
N GLU A 3 16.24 -5.99 4.47
CA GLU A 3 15.31 -5.62 5.52
C GLU A 3 14.23 -4.69 5.00
N LEU A 4 14.61 -3.74 4.16
CA LEU A 4 13.65 -2.78 3.64
C LEU A 4 12.55 -3.51 2.82
N TYR A 5 12.95 -4.47 2.00
CA TYR A 5 11.94 -5.22 1.24
C TYR A 5 11.01 -5.97 2.17
N ARG A 6 11.59 -6.70 3.11
CA ARG A 6 10.82 -7.53 4.03
C ARG A 6 9.83 -6.70 4.82
N GLN A 7 10.28 -5.57 5.32
CA GLN A 7 9.45 -4.72 6.12
C GLN A 7 8.33 -4.11 5.26
N SER A 8 8.68 -3.67 4.06
CA SER A 8 7.70 -3.11 3.14
C SER A 8 6.61 -4.13 2.83
N LEU A 9 7.02 -5.36 2.57
CA LEU A 9 6.07 -6.39 2.18
C LEU A 9 5.11 -6.65 3.33
N GLU A 10 5.64 -6.71 4.55
CA GLU A 10 4.80 -6.97 5.71
C GLU A 10 3.75 -5.87 5.93
N ILE A 11 4.17 -4.61 5.86
CA ILE A 11 3.26 -3.49 6.06
C ILE A 11 2.18 -3.45 4.97
N ILE A 12 2.61 -3.54 3.72
CA ILE A 12 1.68 -3.45 2.59
C ILE A 12 0.73 -4.64 2.56
N SER A 13 1.26 -5.83 2.81
CA SER A 13 0.44 -7.04 2.83
C SER A 13 -0.60 -6.99 3.95
N ARG A 14 -0.20 -6.56 5.15
CA ARG A 14 -1.15 -6.45 6.24
C ARG A 14 -2.27 -5.43 5.98
N TYR A 15 -1.91 -4.25 5.48
CA TYR A 15 -2.93 -3.26 5.16
C TYR A 15 -3.91 -3.77 4.11
N LEU A 16 -3.41 -4.35 3.03
CA LEU A 16 -4.31 -4.84 1.98
C LEU A 16 -5.21 -5.94 2.52
N ARG A 17 -4.66 -6.83 3.34
CA ARG A 17 -5.48 -7.91 3.92
C ARG A 17 -6.53 -7.38 4.91
N GLU A 18 -6.15 -6.40 5.72
CA GLU A 18 -7.07 -5.77 6.68
C GLU A 18 -8.22 -5.14 5.95
N GLN A 19 -7.86 -4.43 4.90
CA GLN A 19 -8.81 -3.66 4.14
C GLN A 19 -9.83 -4.60 3.51
N ALA A 20 -9.36 -5.72 2.99
CA ALA A 20 -10.22 -6.70 2.33
C ALA A 20 -11.12 -7.42 3.32
N THR A 21 -10.55 -7.85 4.44
CA THR A 21 -11.27 -8.74 5.36
C THR A 21 -11.97 -8.05 6.53
N GLY A 22 -11.55 -6.83 6.84
CA GLY A 22 -12.10 -6.07 7.95
C GLY A 22 -11.67 -6.50 9.34
N ALA A 23 -10.62 -7.30 9.42
CA ALA A 23 -10.15 -7.78 10.71
C ALA A 23 -8.65 -7.56 10.80
N LYS A 24 -8.17 -7.31 12.01
CA LYS A 24 -6.76 -7.08 12.25
C LYS A 24 -6.05 -8.43 12.38
N ASP A 25 -4.85 -8.51 11.84
CA ASP A 25 -3.99 -9.68 12.03
C ASP A 25 -3.28 -9.53 13.36
N THR A 26 -3.48 -10.49 14.25
CA THR A 26 -2.94 -10.42 15.61
C THR A 26 -1.54 -11.04 15.75
N LYS A 27 -0.99 -11.56 14.66
CA LYS A 27 0.33 -12.13 14.79
C LYS A 27 1.36 -11.03 14.87
N PRO A 28 2.43 -11.29 15.61
CA PRO A 28 3.51 -10.31 15.76
C PRO A 28 4.14 -9.96 14.42
N MET A 29 4.68 -8.75 14.34
CA MET A 29 5.48 -8.36 13.20
C MET A 29 6.83 -9.04 13.28
N GLY A 30 7.58 -8.98 12.19
CA GLY A 30 8.91 -9.53 12.20
C GLY A 30 9.91 -8.59 12.84
N ARG A 31 11.06 -8.46 12.19
CA ARG A 31 12.08 -7.51 12.59
C ARG A 31 11.45 -6.12 12.60
N SER A 32 12.05 -5.22 13.37
CA SER A 32 11.60 -3.82 13.41
C SER A 32 10.11 -3.67 13.65
N GLY A 33 9.57 -4.53 14.52
CA GLY A 33 8.15 -4.56 14.78
C GLY A 33 7.53 -3.24 15.21
N ALA A 34 8.23 -2.46 16.03
CA ALA A 34 7.67 -1.21 16.55
C ALA A 34 7.41 -0.22 15.43
N THR A 35 8.38 -0.09 14.53
CA THR A 35 8.23 0.81 13.38
C THR A 35 7.17 0.29 12.41
N SER A 36 7.18 -1.01 12.14
CA SER A 36 6.19 -1.59 11.24
C SER A 36 4.77 -1.42 11.79
N ARG A 37 4.61 -1.58 13.10
CA ARG A 37 3.31 -1.36 13.74
C ARG A 37 2.84 0.08 13.55
N LYS A 38 3.75 1.02 13.77
CA LYS A 38 3.39 2.43 13.65
C LYS A 38 3.13 2.78 12.20
N ALA A 39 3.89 2.17 11.31
CA ALA A 39 3.68 2.43 9.88
C ALA A 39 2.31 1.93 9.43
N LEU A 40 1.92 0.75 9.87
CA LEU A 40 0.61 0.22 9.56
C LEU A 40 -0.49 1.10 10.15
N GLU A 41 -0.29 1.56 11.38
CA GLU A 41 -1.23 2.47 12.02
C GLU A 41 -1.39 3.77 11.23
N THR A 42 -0.29 4.28 10.71
CA THR A 42 -0.27 5.50 9.91
C THR A 42 -0.99 5.27 8.57
N LEU A 43 -0.68 4.18 7.89
CA LEU A 43 -1.35 3.81 6.64
C LEU A 43 -2.84 3.72 6.81
N ARG A 44 -3.29 3.07 7.87
CA ARG A 44 -4.71 3.04 8.18
C ARG A 44 -5.29 4.43 8.21
N ARG A 45 -4.73 5.26 9.07
CA ARG A 45 -5.26 6.60 9.29
C ARG A 45 -5.30 7.40 7.98
N VAL A 46 -4.21 7.36 7.23
CA VAL A 46 -4.07 8.21 6.04
C VAL A 46 -4.70 7.57 4.80
N GLY A 47 -4.43 6.30 4.58
CA GLY A 47 -4.94 5.60 3.41
C GLY A 47 -6.45 5.54 3.30
N ASP A 48 -7.13 5.37 4.44
CA ASP A 48 -8.57 5.33 4.44
C ASP A 48 -9.15 6.67 3.93
N GLY A 49 -8.50 7.77 4.30
CA GLY A 49 -8.93 9.08 3.83
C GLY A 49 -8.66 9.27 2.35
N VAL A 50 -7.52 8.77 1.87
CA VAL A 50 -7.14 8.93 0.46
C VAL A 50 -8.14 8.25 -0.48
N GLN A 51 -8.59 7.07 -0.08
CA GLN A 51 -9.55 6.33 -0.87
C GLN A 51 -10.87 7.08 -1.02
N ARG A 52 -11.20 7.86 0.00
CA ARG A 52 -12.46 8.64 -0.03
C ARG A 52 -12.26 9.99 -0.75
N ASN A 53 -11.15 10.65 -0.47
CA ASN A 53 -10.89 11.93 -1.14
C ASN A 53 -10.77 11.77 -2.65
N HIS A 54 -10.30 10.61 -3.09
CA HIS A 54 -10.15 10.31 -4.52
C HIS A 54 -11.13 9.25 -5.03
N GLU A 55 -12.27 9.15 -4.36
CA GLU A 55 -13.26 8.13 -4.67
C GLU A 55 -13.61 8.07 -6.15
N THR A 56 -13.97 9.21 -6.75
CA THR A 56 -14.38 9.22 -8.15
C THR A 56 -13.27 8.72 -9.08
N ALA A 57 -12.06 9.24 -8.92
CA ALA A 57 -10.93 8.80 -9.71
C ALA A 57 -10.58 7.32 -9.49
N PHE A 58 -10.67 6.87 -8.25
CA PHE A 58 -10.35 5.48 -7.91
C PHE A 58 -11.36 4.57 -8.60
N GLN A 59 -12.64 4.90 -8.49
CA GLN A 59 -13.68 4.12 -9.14
C GLN A 59 -13.45 4.10 -10.65
N GLY A 60 -13.10 5.25 -11.22
CA GLY A 60 -12.90 5.38 -12.66
C GLY A 60 -11.77 4.50 -13.16
N MET A 61 -10.65 4.55 -12.45
CA MET A 61 -9.51 3.71 -12.81
C MET A 61 -9.79 2.21 -12.65
N LEU A 62 -10.47 1.81 -11.58
CA LEU A 62 -10.82 0.42 -11.34
C LEU A 62 -11.68 -0.07 -12.51
N ARG A 63 -12.68 0.72 -12.89
CA ARG A 63 -13.52 0.34 -14.01
C ARG A 63 -12.70 0.16 -15.28
N LYS A 64 -11.80 1.11 -15.55
CA LYS A 64 -10.95 1.09 -16.74
C LYS A 64 -10.04 -0.15 -16.79
N LEU A 65 -9.50 -0.54 -15.64
CA LEU A 65 -8.62 -1.71 -15.55
C LEU A 65 -9.33 -3.05 -15.78
N ASP A 66 -10.60 -3.12 -15.41
CA ASP A 66 -11.43 -4.33 -15.55
C ASP A 66 -10.78 -5.60 -15.00
N ILE A 67 -10.63 -5.68 -13.69
CA ILE A 67 -9.92 -6.79 -13.06
C ILE A 67 -10.85 -7.95 -12.74
N LYS A 68 -10.53 -9.12 -13.29
CA LYS A 68 -11.41 -10.28 -13.23
C LYS A 68 -10.76 -11.51 -12.63
N ASN A 69 -9.45 -11.61 -12.71
CA ASN A 69 -8.78 -12.88 -12.44
C ASN A 69 -7.29 -12.67 -12.23
N GLU A 70 -6.56 -13.77 -12.06
CA GLU A 70 -5.13 -13.65 -11.76
C GLU A 70 -4.32 -13.06 -12.92
N ASP A 71 -4.78 -13.22 -14.16
CA ASP A 71 -4.05 -12.69 -15.30
C ASP A 71 -4.09 -11.16 -15.36
N ASP A 72 -5.27 -10.60 -15.10
CA ASP A 72 -5.43 -9.14 -15.05
C ASP A 72 -4.60 -8.57 -13.90
N VAL A 73 -4.62 -9.26 -12.77
CA VAL A 73 -3.91 -8.78 -11.59
C VAL A 73 -2.40 -8.76 -11.86
N LYS A 74 -1.92 -9.78 -12.58
CA LYS A 74 -0.52 -9.85 -12.95
C LYS A 74 -0.12 -8.69 -13.87
N SER A 75 -1.04 -8.27 -14.72
CA SER A 75 -0.80 -7.18 -15.66
C SER A 75 -0.61 -5.82 -14.98
N LEU A 76 -0.91 -5.73 -13.69
CA LEU A 76 -0.95 -4.42 -13.02
C LEU A 76 0.44 -3.88 -12.75
N SER A 77 1.43 -4.76 -12.61
CA SER A 77 2.79 -4.28 -12.38
C SER A 77 3.26 -3.32 -13.48
N ARG A 78 2.96 -3.64 -14.73
CA ARG A 78 3.35 -2.77 -15.84
C ARG A 78 2.69 -1.38 -15.75
N VAL A 79 1.43 -1.37 -15.31
CA VAL A 79 0.69 -0.13 -15.18
C VAL A 79 1.23 0.66 -14.01
N MET A 80 1.56 0.00 -12.91
CA MET A 80 2.17 0.71 -11.77
C MET A 80 3.51 1.36 -12.12
N ILE A 81 4.36 0.64 -12.86
CA ILE A 81 5.61 1.25 -13.32
C ILE A 81 5.37 2.47 -14.19
N HIS A 82 4.41 2.36 -15.11
CA HIS A 82 4.04 3.46 -15.98
C HIS A 82 3.55 4.70 -15.23
N VAL A 83 2.64 4.50 -14.27
CA VAL A 83 1.97 5.62 -13.63
C VAL A 83 2.68 6.10 -12.36
N PHE A 84 3.03 5.16 -11.49
CA PHE A 84 3.74 5.52 -10.26
C PHE A 84 5.24 5.78 -10.44
N SER A 85 5.98 4.82 -11.02
CA SER A 85 7.43 4.96 -11.05
C SER A 85 7.88 6.14 -11.93
N ASP A 86 7.19 6.36 -13.04
CA ASP A 86 7.61 7.39 -14.01
C ASP A 86 6.99 8.71 -13.60
N GLY A 87 7.44 9.23 -12.47
CA GLY A 87 6.93 10.48 -11.95
C GLY A 87 7.72 10.91 -10.74
N VAL A 88 7.46 12.12 -10.25
CA VAL A 88 8.11 12.61 -9.04
C VAL A 88 7.84 11.68 -7.89
N THR A 89 8.82 11.44 -7.03
CA THR A 89 8.58 10.63 -5.86
C THR A 89 8.36 11.51 -4.62
N ASN A 90 7.28 11.26 -3.90
CA ASN A 90 7.03 11.86 -2.60
C ASN A 90 6.12 10.93 -1.81
N TRP A 91 5.99 11.16 -0.51
CA TRP A 91 5.24 10.22 0.28
C TRP A 91 3.75 10.17 -0.14
N GLY A 92 3.18 11.30 -0.59
CA GLY A 92 1.81 11.32 -1.07
C GLY A 92 1.57 10.34 -2.18
N ARG A 93 2.48 10.29 -3.15
CA ARG A 93 2.33 9.40 -4.29
C ARG A 93 2.50 7.95 -3.87
N ILE A 94 3.38 7.72 -2.89
CA ILE A 94 3.55 6.37 -2.33
C ILE A 94 2.28 5.89 -1.60
N VAL A 95 1.68 6.78 -0.83
CA VAL A 95 0.40 6.48 -0.23
C VAL A 95 -0.72 6.21 -1.28
N THR A 96 -0.72 6.94 -2.40
CA THR A 96 -1.75 6.72 -3.42
C THR A 96 -1.54 5.34 -4.03
N LEU A 97 -0.28 4.97 -4.27
CA LEU A 97 0.06 3.65 -4.77
C LEU A 97 -0.52 2.54 -3.90
N ILE A 98 -0.23 2.63 -2.60
CA ILE A 98 -0.65 1.63 -1.65
C ILE A 98 -2.18 1.69 -1.41
N SER A 99 -2.76 2.89 -1.38
CA SER A 99 -4.19 3.07 -1.13
C SER A 99 -5.05 2.58 -2.29
N PHE A 100 -4.59 2.80 -3.51
CA PHE A 100 -5.26 2.21 -4.66
C PHE A 100 -5.13 0.68 -4.61
N GLY A 101 -3.99 0.18 -4.14
CA GLY A 101 -3.84 -1.24 -3.94
C GLY A 101 -4.87 -1.82 -2.99
N ALA A 102 -5.15 -1.11 -1.92
CA ALA A 102 -6.16 -1.52 -0.96
C ALA A 102 -7.52 -1.51 -1.62
N PHE A 103 -7.78 -0.48 -2.44
CA PHE A 103 -9.04 -0.37 -3.17
C PHE A 103 -9.20 -1.57 -4.10
N VAL A 104 -8.12 -1.94 -4.78
CA VAL A 104 -8.18 -3.13 -5.65
C VAL A 104 -8.36 -4.40 -4.84
N ALA A 105 -7.71 -4.50 -3.69
CA ALA A 105 -7.82 -5.70 -2.87
C ALA A 105 -9.27 -5.90 -2.43
N LYS A 106 -9.92 -4.81 -2.03
CA LYS A 106 -11.33 -4.86 -1.62
C LYS A 106 -12.17 -5.35 -2.79
N HIS A 107 -11.85 -4.88 -3.99
CA HIS A 107 -12.56 -5.35 -5.17
C HIS A 107 -12.34 -6.85 -5.35
N LEU A 108 -11.13 -7.33 -5.08
CA LEU A 108 -10.83 -8.77 -5.23
C LEU A 108 -11.62 -9.65 -4.26
N LYS A 109 -11.84 -9.15 -3.05
CA LYS A 109 -12.68 -9.84 -2.07
C LYS A 109 -14.12 -9.89 -2.56
N THR A 110 -14.61 -8.81 -3.19
CA THR A 110 -16.04 -8.76 -3.59
C THR A 110 -16.34 -9.74 -4.71
N ILE A 111 -15.38 -9.96 -5.59
CA ILE A 111 -15.51 -10.97 -6.63
C ILE A 111 -14.90 -12.32 -6.22
N ASN A 112 -14.78 -12.54 -4.91
CA ASN A 112 -14.36 -13.84 -4.38
C ASN A 112 -13.01 -14.33 -4.92
N GLN A 113 -12.12 -13.39 -5.21
CA GLN A 113 -10.77 -13.70 -5.70
C GLN A 113 -9.72 -13.28 -4.69
N GLU A 114 -9.98 -13.60 -3.42
CA GLU A 114 -9.11 -13.22 -2.33
C GLU A 114 -7.71 -13.74 -2.51
N SER A 115 -7.55 -14.84 -3.26
CA SER A 115 -6.24 -15.48 -3.36
C SER A 115 -5.25 -14.61 -4.12
N CYS A 116 -5.74 -13.61 -4.85
CA CYS A 116 -4.84 -12.76 -5.63
C CYS A 116 -4.33 -11.58 -4.82
N ILE A 117 -4.81 -11.42 -3.60
CA ILE A 117 -4.44 -10.28 -2.77
C ILE A 117 -2.98 -10.31 -2.35
N GLU A 118 -2.47 -11.46 -1.92
CA GLU A 118 -1.07 -11.46 -1.51
C GLU A 118 -0.12 -11.27 -2.69
N PRO A 119 -0.41 -11.90 -3.85
CA PRO A 119 0.41 -11.63 -5.03
C PRO A 119 0.39 -10.14 -5.39
N LEU A 120 -0.78 -9.51 -5.25
CA LEU A 120 -0.91 -8.08 -5.56
C LEU A 120 -0.05 -7.26 -4.62
N ALA A 121 -0.06 -7.61 -3.33
CA ALA A 121 0.78 -6.90 -2.36
C ALA A 121 2.27 -7.08 -2.69
N GLU A 122 2.65 -8.26 -3.14
CA GLU A 122 4.03 -8.50 -3.56
C GLU A 122 4.40 -7.65 -4.78
N SER A 123 3.47 -7.52 -5.72
CA SER A 123 3.71 -6.71 -6.91
C SER A 123 3.91 -5.25 -6.56
N ILE A 124 3.06 -4.73 -5.68
CA ILE A 124 3.16 -3.34 -5.28
C ILE A 124 4.50 -3.10 -4.57
N THR A 125 4.84 -4.01 -3.67
CA THR A 125 6.09 -3.91 -2.93
C THR A 125 7.29 -3.94 -3.90
N ASP A 126 7.24 -4.81 -4.90
CA ASP A 126 8.32 -4.87 -5.89
C ASP A 126 8.47 -3.55 -6.61
N VAL A 127 7.37 -3.00 -7.11
CA VAL A 127 7.44 -1.70 -7.77
C VAL A 127 8.02 -0.62 -6.84
N LEU A 128 7.53 -0.54 -5.61
CA LEU A 128 7.95 0.51 -4.70
C LEU A 128 9.41 0.36 -4.36
N VAL A 129 9.78 -0.80 -3.84
CA VAL A 129 11.14 -0.98 -3.36
C VAL A 129 12.17 -1.07 -4.49
N ARG A 130 11.86 -1.81 -5.55
CA ARG A 130 12.86 -2.07 -6.57
C ARG A 130 13.03 -0.87 -7.49
N THR A 131 12.07 0.06 -7.54
CA THR A 131 12.24 1.25 -8.37
C THR A 131 12.59 2.53 -7.59
N LYS A 132 12.37 2.55 -6.26
CA LYS A 132 12.57 3.75 -5.47
C LYS A 132 13.46 3.54 -4.22
N ARG A 133 14.29 2.51 -4.23
CA ARG A 133 15.11 2.23 -3.05
C ARG A 133 15.95 3.43 -2.63
N ASP A 134 16.60 4.08 -3.59
CA ASP A 134 17.46 5.20 -3.28
C ASP A 134 16.70 6.31 -2.53
N TRP A 135 15.52 6.66 -3.03
CA TRP A 135 14.71 7.69 -2.41
C TRP A 135 14.25 7.25 -1.01
N LEU A 136 13.78 6.01 -0.92
CA LEU A 136 13.31 5.46 0.35
C LEU A 136 14.41 5.54 1.41
N VAL A 137 15.62 5.08 1.06
CA VAL A 137 16.74 5.10 2.01
C VAL A 137 17.05 6.54 2.44
N LYS A 138 17.10 7.45 1.49
CA LYS A 138 17.41 8.85 1.75
C LYS A 138 16.36 9.52 2.66
N GLN A 139 15.12 9.02 2.57
CA GLN A 139 14.01 9.52 3.38
C GLN A 139 13.77 8.73 4.66
N ARG A 140 14.74 7.90 5.04
CA ARG A 140 14.73 7.17 6.34
C ARG A 140 13.70 6.03 6.37
N GLY A 141 13.33 5.54 5.20
CA GLY A 141 12.47 4.38 5.09
C GLY A 141 11.19 4.53 5.88
N TRP A 142 10.76 3.45 6.51
CA TRP A 142 9.47 3.45 7.20
C TRP A 142 9.47 4.27 8.48
N ASP A 143 10.64 4.46 9.09
CA ASP A 143 10.72 5.41 10.20
C ASP A 143 10.44 6.80 9.67
N GLY A 144 10.93 7.11 8.48
CA GLY A 144 10.68 8.40 7.89
C GLY A 144 9.22 8.60 7.54
N PHE A 145 8.57 7.54 7.07
CA PHE A 145 7.15 7.58 6.71
C PHE A 145 6.35 7.95 7.95
N VAL A 146 6.61 7.23 9.04
CA VAL A 146 5.96 7.49 10.31
C VAL A 146 6.21 8.92 10.79
N GLU A 147 7.46 9.37 10.74
CA GLU A 147 7.79 10.73 11.16
C GLU A 147 7.07 11.78 10.30
N PHE A 148 7.00 11.56 8.99
CA PHE A 148 6.41 12.51 8.06
C PHE A 148 4.95 12.74 8.37
N PHE A 149 4.22 11.70 8.74
CA PHE A 149 2.76 11.78 8.93
C PHE A 149 2.35 11.95 10.40
N HIS A 150 3.34 12.02 11.28
CA HIS A 150 3.08 12.13 12.71
C HIS A 150 2.32 13.40 13.02
N VAL A 151 1.27 13.26 13.81
CA VAL A 151 0.50 14.43 14.29
C VAL A 151 0.63 14.54 15.80
N GLU A 152 1.04 15.71 16.27
CA GLU A 152 1.13 15.97 17.71
C GLU A 152 -0.25 16.09 18.32
N ASP A 153 -0.40 15.62 19.54
CA ASP A 153 -1.67 15.76 20.26
C ASP A 153 -1.98 17.23 20.46
N LEU A 154 -3.27 17.56 20.48
CA LEU A 154 -3.72 18.92 20.74
C LEU A 154 -3.70 19.19 22.23
N GLU A 155 -3.37 20.43 22.60
CA GLU A 155 -3.47 20.85 23.99
C GLU A 155 -4.93 20.91 24.38
N GLY A 156 -5.22 20.67 25.66
CA GLY A 156 -6.60 20.68 26.13
C GLY A 156 -7.42 19.55 25.55
#